data_9JJ3
#
_entry.id   9JJ3
#
_cell.length_a   1.00
_cell.length_b   1.00
_cell.length_c   1.00
_cell.angle_alpha   90.00
_cell.angle_beta   90.00
_cell.angle_gamma   90.00
#
_symmetry.space_group_name_H-M   'P 1'
#
_entity_poly.entity_id   1
_entity_poly.type   'polypeptide(L)'
_entity_poly.pdbx_seq_one_letter_code
;MAGSGAWKRLKSMLRKDDAPLFLNDTSAFDFSDEAGDEGLSRFNKLRVVVADDGSEAPERPVNGAHPTLQADDDSLLDQD
LPLTNSQLSLKVDSCDNCSKQREILKQRKVKARLTIAAVLYLLFMIGELVGGYIANSLAIMTDALHMLTNLSAIILTLLA
LWLSSKSPTKRFTFGFHRLEVLSAMISVLLVYILMGFLLYEAVQRTIHMNYEINGDIMLITAAVGVAVNVIMGFLLNQSG
HRHSHSHSLPSNSPTRGSGCERNHGQDSLAVRAAFVHALGNLVQSVGVLIAAYIIRFKPEYKIADPICTYVFSLLVAFTT
FRIIWDTVVIILEGVPSHLNVDYIKEALMKIEDVYSVEDLNIWSLTSGKSTAIVHIQLIPGSSSKWEEVQSKANHLLLNT
FGMYRCTIQLQSYRQEVDRTCANCQSSSPGSIEGRIVKDYKDDDDK
;
_entity_poly.pdbx_strand_id   B,A
#
# COMPACT_ATOMS: atom_id res chain seq x y z
N CYS A 98 -22.20 -26.59 3.52
CA CYS A 98 -21.33 -26.95 4.62
C CYS A 98 -20.10 -26.03 4.66
N SER A 99 -20.21 -24.88 4.00
CA SER A 99 -19.10 -23.95 3.90
C SER A 99 -18.94 -23.08 5.14
N LYS A 100 -19.84 -23.19 6.12
CA LYS A 100 -19.77 -22.35 7.31
C LYS A 100 -18.50 -22.60 8.10
N GLN A 101 -18.08 -23.86 8.22
CA GLN A 101 -16.90 -24.23 8.98
C GLN A 101 -15.77 -24.76 8.12
N ARG A 102 -15.91 -24.73 6.79
CA ARG A 102 -14.83 -25.22 5.93
C ARG A 102 -13.59 -24.34 6.05
N GLU A 103 -13.77 -23.02 5.95
CA GLU A 103 -12.62 -22.12 5.86
C GLU A 103 -11.72 -22.21 7.09
N ILE A 104 -12.28 -22.63 8.23
CA ILE A 104 -11.49 -22.83 9.44
C ILE A 104 -10.38 -23.84 9.19
N LEU A 105 -10.70 -24.91 8.46
CA LEU A 105 -9.69 -25.93 8.18
C LEU A 105 -8.54 -25.36 7.35
N LYS A 106 -8.86 -24.55 6.34
CA LYS A 106 -7.80 -23.94 5.53
C LYS A 106 -6.96 -22.97 6.34
N GLN A 107 -7.57 -22.14 7.19
CA GLN A 107 -6.72 -21.23 7.96
C GLN A 107 -5.87 -22.00 8.95
N ARG A 108 -6.39 -23.07 9.53
CA ARG A 108 -5.60 -23.90 10.43
C ARG A 108 -4.41 -24.51 9.70
N LYS A 109 -4.65 -25.04 8.50
CA LYS A 109 -3.56 -25.64 7.73
C LYS A 109 -2.52 -24.60 7.34
N VAL A 110 -2.97 -23.41 6.93
CA VAL A 110 -2.04 -22.36 6.53
C VAL A 110 -1.19 -21.94 7.72
N LYS A 111 -1.83 -21.75 8.88
CA LYS A 111 -1.08 -21.37 10.07
C LYS A 111 -0.08 -22.44 10.46
N ALA A 112 -0.49 -23.72 10.41
CA ALA A 112 0.43 -24.80 10.76
C ALA A 112 1.63 -24.83 9.83
N ARG A 113 1.38 -24.69 8.52
CA ARG A 113 2.48 -24.68 7.56
C ARG A 113 3.41 -23.50 7.80
N LEU A 114 2.84 -22.33 8.13
CA LEU A 114 3.67 -21.15 8.35
C LEU A 114 4.53 -21.29 9.60
N THR A 115 3.99 -21.85 10.68
CA THR A 115 4.83 -22.09 11.86
C THR A 115 5.89 -23.14 11.58
N ILE A 116 5.56 -24.16 10.78
CA ILE A 116 6.58 -25.15 10.42
C ILE A 116 7.71 -24.48 9.65
N ALA A 117 7.37 -23.62 8.70
CA ALA A 117 8.39 -22.91 7.94
C ALA A 117 9.22 -22.00 8.85
N ALA A 118 8.56 -21.32 9.80
CA ALA A 118 9.26 -20.42 10.69
C ALA A 118 10.24 -21.18 11.58
N VAL A 119 9.80 -22.31 12.15
CA VAL A 119 10.70 -23.07 13.00
C VAL A 119 11.82 -23.70 12.19
N LEU A 120 11.55 -24.08 10.92
CA LEU A 120 12.63 -24.56 10.07
C LEU A 120 13.65 -23.47 9.80
N TYR A 121 13.20 -22.25 9.54
CA TYR A 121 14.11 -21.13 9.38
C TYR A 121 14.93 -20.90 10.64
N LEU A 122 14.28 -20.94 11.80
CA LEU A 122 15.02 -20.72 13.05
C LEU A 122 16.05 -21.81 13.28
N LEU A 123 15.70 -23.06 13.01
CA LEU A 123 16.63 -24.17 13.19
C LEU A 123 17.81 -24.06 12.24
N PHE A 124 17.56 -23.72 10.97
CA PHE A 124 18.64 -23.54 10.02
C PHE A 124 19.51 -22.35 10.40
N MET A 125 18.90 -21.27 10.90
CA MET A 125 19.65 -20.14 11.41
C MET A 125 20.61 -20.57 12.51
N ILE A 126 20.10 -21.28 13.51
CA ILE A 126 20.94 -21.71 14.62
C ILE A 126 22.05 -22.65 14.13
N GLY A 127 21.69 -23.56 13.22
CA GLY A 127 22.69 -24.49 12.70
C GLY A 127 23.82 -23.78 11.98
N GLU A 128 23.47 -22.81 11.12
CA GLU A 128 24.50 -22.08 10.40
C GLU A 128 25.28 -21.14 11.31
N LEU A 129 24.65 -20.65 12.39
CA LEU A 129 25.37 -19.77 13.31
C LEU A 129 26.40 -20.54 14.14
N VAL A 130 25.99 -21.69 14.68
CA VAL A 130 26.96 -22.52 15.40
C VAL A 130 27.99 -23.10 14.46
N GLY A 131 27.60 -23.44 13.22
CA GLY A 131 28.57 -23.94 12.27
C GLY A 131 29.63 -22.90 11.93
N GLY A 132 29.22 -21.64 11.76
CA GLY A 132 30.19 -20.59 11.51
C GLY A 132 31.13 -20.35 12.67
N TYR A 133 30.64 -20.52 13.90
CA TYR A 133 31.49 -20.28 15.07
C TYR A 133 32.66 -21.25 15.11
N ILE A 134 32.40 -22.54 14.81
CA ILE A 134 33.49 -23.51 14.71
C ILE A 134 34.33 -23.31 13.46
N ALA A 135 33.82 -22.58 12.47
CA ALA A 135 34.56 -22.27 11.25
C ALA A 135 35.03 -20.82 11.21
N ASN A 136 34.86 -20.08 12.32
CA ASN A 136 35.30 -18.70 12.54
C ASN A 136 35.30 -17.86 11.26
N SER A 137 34.15 -17.78 10.59
CA SER A 137 34.02 -17.00 9.38
C SER A 137 32.77 -16.14 9.46
N LEU A 138 32.92 -14.84 9.23
CA LEU A 138 31.79 -13.92 9.23
C LEU A 138 30.94 -14.05 7.97
N ALA A 139 31.50 -14.57 6.88
CA ALA A 139 30.72 -14.75 5.66
C ALA A 139 29.57 -15.72 5.89
N ILE A 140 29.82 -16.79 6.66
CA ILE A 140 28.74 -17.71 7.01
C ILE A 140 27.70 -16.99 7.86
N MET A 141 28.13 -16.14 8.80
CA MET A 141 27.19 -15.35 9.60
C MET A 141 26.43 -14.34 8.76
N THR A 142 26.90 -14.01 7.56
CA THR A 142 26.21 -13.01 6.75
C THR A 142 24.82 -13.48 6.33
N ASP A 143 24.64 -14.79 6.13
CA ASP A 143 23.32 -15.30 5.76
C ASP A 143 22.33 -15.25 6.92
N ALA A 144 22.80 -14.96 8.14
CA ALA A 144 21.88 -14.79 9.26
C ALA A 144 20.93 -13.63 9.01
N LEU A 145 21.40 -12.58 8.35
CA LEU A 145 20.52 -11.45 8.04
C LEU A 145 19.43 -11.87 7.06
N HIS A 146 19.77 -12.67 6.05
CA HIS A 146 18.78 -13.15 5.09
C HIS A 146 17.75 -14.03 5.78
N MET A 147 18.20 -14.93 6.66
CA MET A 147 17.24 -15.73 7.40
C MET A 147 16.42 -14.87 8.36
N LEU A 148 17.01 -13.80 8.90
CA LEU A 148 16.26 -12.84 9.71
C LEU A 148 15.12 -12.21 8.92
N THR A 149 15.40 -11.74 7.71
CA THR A 149 14.34 -11.07 6.95
C THR A 149 13.26 -12.07 6.53
N ASN A 150 13.66 -13.28 6.16
CA ASN A 150 12.65 -14.29 5.83
C ASN A 150 11.78 -14.61 7.05
N LEU A 151 12.39 -14.82 8.21
CA LEU A 151 11.65 -15.16 9.41
C LEU A 151 10.75 -14.00 9.85
N SER A 152 11.24 -12.77 9.72
CA SER A 152 10.43 -11.62 10.07
C SER A 152 9.23 -11.49 9.15
N ALA A 153 9.42 -11.74 7.85
CA ALA A 153 8.28 -11.72 6.93
C ALA A 153 7.25 -12.77 7.31
N ILE A 154 7.70 -13.98 7.66
CA ILE A 154 6.76 -15.03 8.05
C ILE A 154 6.05 -14.67 9.34
N ILE A 155 6.77 -14.08 10.30
CA ILE A 155 6.16 -13.70 11.57
C ILE A 155 5.11 -12.61 11.36
N LEU A 156 5.42 -11.61 10.53
CA LEU A 156 4.44 -10.58 10.23
C LEU A 156 3.23 -11.16 9.52
N THR A 157 3.44 -12.13 8.64
CA THR A 157 2.33 -12.81 7.98
C THR A 157 1.45 -13.53 9.01
N LEU A 158 2.07 -14.20 9.97
CA LEU A 158 1.30 -14.89 11.00
C LEU A 158 0.50 -13.92 11.84
N LEU A 159 1.11 -12.79 12.21
CA LEU A 159 0.38 -11.77 12.97
C LEU A 159 -0.79 -11.22 12.15
N ALA A 160 -0.57 -10.98 10.86
CA ALA A 160 -1.65 -10.48 10.01
C ALA A 160 -2.79 -11.49 9.92
N LEU A 161 -2.46 -12.78 9.79
CA LEU A 161 -3.51 -13.80 9.75
C LEU A 161 -4.28 -13.87 11.06
N TRP A 162 -3.57 -13.80 12.19
CA TRP A 162 -4.23 -13.84 13.48
C TRP A 162 -5.18 -12.65 13.64
N LEU A 163 -4.74 -11.46 13.22
CA LEU A 163 -5.62 -10.30 13.26
C LEU A 163 -6.80 -10.47 12.32
N SER A 164 -6.56 -11.05 11.14
CA SER A 164 -7.64 -11.26 10.17
C SER A 164 -8.67 -12.25 10.70
N SER A 165 -8.28 -13.15 11.59
CA SER A 165 -9.24 -14.07 12.17
C SER A 165 -10.24 -13.38 13.09
N LYS A 166 -10.01 -12.12 13.45
CA LYS A 166 -10.92 -11.41 14.33
C LYS A 166 -12.22 -11.04 13.61
N SER A 167 -13.28 -10.85 14.39
CA SER A 167 -14.56 -10.46 13.86
C SER A 167 -14.55 -8.98 13.48
N PRO A 168 -15.38 -8.56 12.52
CA PRO A 168 -15.40 -7.16 12.12
C PRO A 168 -15.85 -6.26 13.27
N THR A 169 -15.25 -5.07 13.33
CA THR A 169 -15.53 -4.10 14.37
C THR A 169 -16.37 -2.95 13.79
N LYS A 170 -16.62 -1.94 14.62
CA LYS A 170 -17.40 -0.79 14.19
C LYS A 170 -16.59 0.24 13.45
N ARG A 171 -15.25 0.12 13.42
CA ARG A 171 -14.41 0.96 12.58
C ARG A 171 -14.07 0.31 11.26
N PHE A 172 -13.90 -1.02 11.26
CA PHE A 172 -13.67 -1.79 10.04
C PHE A 172 -14.89 -2.67 9.83
N THR A 173 -15.80 -2.22 8.98
CA THR A 173 -17.03 -2.98 8.74
C THR A 173 -16.73 -4.33 8.10
N PHE A 174 -15.80 -4.36 7.16
CA PHE A 174 -15.27 -5.63 6.69
C PHE A 174 -14.23 -6.15 7.69
N GLY A 175 -13.79 -7.38 7.47
CA GLY A 175 -12.79 -7.96 8.33
C GLY A 175 -11.43 -7.31 8.18
N PHE A 176 -10.44 -7.83 8.89
CA PHE A 176 -9.07 -7.35 8.78
C PHE A 176 -8.27 -8.09 7.72
N HIS A 177 -8.94 -8.62 6.69
CA HIS A 177 -8.27 -9.46 5.71
C HIS A 177 -7.24 -8.68 4.91
N ARG A 178 -7.40 -7.35 4.79
CA ARG A 178 -6.43 -6.56 4.06
C ARG A 178 -5.07 -6.55 4.74
N LEU A 179 -5.00 -6.93 6.02
CA LEU A 179 -3.72 -7.03 6.68
C LEU A 179 -2.85 -8.11 6.06
N GLU A 180 -3.46 -9.19 5.57
CA GLU A 180 -2.70 -10.22 4.86
C GLU A 180 -2.10 -9.68 3.57
N VAL A 181 -2.86 -8.88 2.83
CA VAL A 181 -2.34 -8.24 1.62
C VAL A 181 -1.20 -7.29 1.97
N LEU A 182 -1.37 -6.52 3.04
CA LEU A 182 -0.31 -5.62 3.48
C LEU A 182 0.95 -6.41 3.85
N SER A 183 0.80 -7.55 4.52
CA SER A 183 1.94 -8.38 4.85
C SER A 183 2.60 -8.93 3.60
N ALA A 184 1.82 -9.25 2.58
CA ALA A 184 2.39 -9.68 1.31
C ALA A 184 3.25 -8.58 0.68
N MET A 185 2.73 -7.34 0.69
CA MET A 185 3.54 -6.23 0.21
C MET A 185 4.81 -6.07 1.03
N ILE A 186 4.71 -6.26 2.35
CA ILE A 186 5.89 -6.14 3.21
C ILE A 186 6.92 -7.19 2.84
N SER A 187 6.47 -8.43 2.62
CA SER A 187 7.41 -9.48 2.24
C SER A 187 8.08 -9.16 0.90
N VAL A 188 7.31 -8.66 -0.06
CA VAL A 188 7.89 -8.28 -1.34
C VAL A 188 8.89 -7.14 -1.16
N LEU A 189 8.57 -6.19 -0.28
CA LEU A 189 9.47 -5.07 -0.05
C LEU A 189 10.78 -5.55 0.57
N LEU A 190 10.71 -6.48 1.53
CA LEU A 190 11.94 -7.00 2.13
C LEU A 190 12.78 -7.81 1.13
N VAL A 191 12.15 -8.62 0.27
CA VAL A 191 12.97 -9.35 -0.69
C VAL A 191 13.59 -8.38 -1.69
N TYR A 192 12.86 -7.32 -2.07
CA TYR A 192 13.44 -6.30 -2.93
C TYR A 192 14.59 -5.57 -2.24
N ILE A 193 14.46 -5.31 -0.94
CA ILE A 193 15.53 -4.65 -0.20
C ILE A 193 16.77 -5.53 -0.14
N LEU A 194 16.58 -6.82 0.09
CA LEU A 194 17.72 -7.74 0.10
C LEU A 194 18.39 -7.78 -1.27
N MET A 195 17.59 -7.82 -2.34
CA MET A 195 18.14 -7.80 -3.69
C MET A 195 18.90 -6.50 -3.94
N GLY A 196 18.37 -5.38 -3.46
CA GLY A 196 19.07 -4.11 -3.63
C GLY A 196 20.38 -4.05 -2.87
N PHE A 197 20.41 -4.61 -1.67
CA PHE A 197 21.67 -4.68 -0.92
C PHE A 197 22.69 -5.53 -1.67
N LEU A 198 22.25 -6.67 -2.21
CA LEU A 198 23.14 -7.50 -3.01
C LEU A 198 23.63 -6.76 -4.24
N LEU A 199 22.74 -6.01 -4.89
CA LEU A 199 23.11 -5.25 -6.08
C LEU A 199 24.14 -4.17 -5.75
N TYR A 200 23.94 -3.46 -4.63
CA TYR A 200 24.90 -2.45 -4.21
C TYR A 200 26.25 -3.08 -3.89
N GLU A 201 26.25 -4.22 -3.21
CA GLU A 201 27.51 -4.92 -2.92
C GLU A 201 28.20 -5.32 -4.22
N ALA A 202 27.44 -5.83 -5.18
CA ALA A 202 28.03 -6.23 -6.46
C ALA A 202 28.60 -5.04 -7.22
N VAL A 203 27.87 -3.92 -7.25
CA VAL A 203 28.35 -2.75 -7.97
C VAL A 203 29.58 -2.17 -7.29
N GLN A 204 29.70 -2.36 -5.97
CA GLN A 204 30.96 -2.03 -5.32
C GLN A 204 32.04 -3.06 -5.60
N ARG A 205 31.65 -4.29 -5.94
CA ARG A 205 32.63 -5.31 -6.30
C ARG A 205 33.19 -5.10 -7.70
N THR A 206 32.34 -4.69 -8.65
CA THR A 206 32.78 -4.52 -10.03
C THR A 206 33.84 -3.43 -10.18
N ILE A 207 34.00 -2.57 -9.18
CA ILE A 207 35.05 -1.56 -9.17
C ILE A 207 35.82 -1.68 -7.87
N HIS A 208 36.79 -0.78 -7.68
CA HIS A 208 37.71 -0.73 -6.55
C HIS A 208 38.70 -1.88 -6.53
N MET A 209 38.60 -2.83 -7.47
CA MET A 209 39.63 -3.83 -7.74
C MET A 209 39.72 -4.85 -6.60
N ASN A 210 40.26 -6.04 -6.91
CA ASN A 210 40.55 -7.17 -6.01
C ASN A 210 39.29 -7.89 -5.55
N TYR A 211 38.12 -7.30 -5.80
CA TYR A 211 36.84 -8.01 -5.77
C TYR A 211 36.56 -8.74 -4.46
N GLU A 212 37.39 -8.53 -3.43
CA GLU A 212 37.23 -9.16 -2.12
C GLU A 212 37.03 -10.67 -2.25
N ILE A 213 38.09 -11.33 -2.73
CA ILE A 213 38.02 -12.76 -3.01
C ILE A 213 37.75 -13.54 -1.74
N ASN A 214 36.84 -14.51 -1.83
CA ASN A 214 36.53 -15.42 -0.74
C ASN A 214 36.93 -16.86 -1.04
N GLY A 215 36.45 -17.42 -2.15
CA GLY A 215 36.89 -18.73 -2.58
C GLY A 215 35.96 -19.87 -2.25
N ASP A 216 36.49 -20.90 -1.58
CA ASP A 216 35.72 -22.10 -1.30
C ASP A 216 34.57 -21.79 -0.37
N ILE A 217 34.79 -20.93 0.63
CA ILE A 217 33.75 -20.64 1.62
C ILE A 217 32.52 -20.03 0.97
N MET A 218 32.68 -19.42 -0.20
CA MET A 218 31.52 -18.92 -0.94
C MET A 218 30.68 -20.07 -1.48
N LEU A 219 31.32 -21.19 -1.85
CA LEU A 219 30.59 -22.35 -2.33
C LEU A 219 29.72 -22.95 -1.25
N ILE A 220 30.23 -23.02 -0.02
CA ILE A 220 29.51 -23.68 1.06
C ILE A 220 28.25 -22.91 1.42
N THR A 221 28.38 -21.59 1.60
CA THR A 221 27.21 -20.78 1.94
C THR A 221 26.18 -20.76 0.81
N ALA A 222 26.63 -21.01 -0.42
CA ALA A 222 25.68 -21.16 -1.53
C ALA A 222 25.11 -22.57 -1.59
N ALA A 223 25.90 -23.57 -1.21
CA ALA A 223 25.41 -24.95 -1.23
C ALA A 223 24.28 -25.15 -0.23
N VAL A 224 24.40 -24.56 0.95
CA VAL A 224 23.32 -24.64 1.93
C VAL A 224 22.18 -23.70 1.59
N GLY A 225 22.44 -22.64 0.82
CA GLY A 225 21.37 -21.74 0.44
C GLY A 225 20.35 -22.38 -0.47
N VAL A 226 20.82 -23.15 -1.46
CA VAL A 226 19.90 -23.87 -2.32
C VAL A 226 19.25 -25.02 -1.58
N ALA A 227 20.03 -25.75 -0.76
CA ALA A 227 19.50 -26.90 -0.05
C ALA A 227 18.41 -26.49 0.94
N VAL A 228 18.62 -25.39 1.65
CA VAL A 228 17.60 -24.91 2.59
C VAL A 228 16.34 -24.48 1.84
N ASN A 229 16.53 -23.74 0.74
CA ASN A 229 15.37 -23.16 0.05
C ASN A 229 14.61 -24.19 -0.76
N VAL A 230 15.30 -25.19 -1.31
CA VAL A 230 14.60 -26.22 -2.07
C VAL A 230 13.70 -27.05 -1.16
N ILE A 231 14.07 -27.19 0.11
CA ILE A 231 13.26 -27.96 1.05
C ILE A 231 11.94 -27.25 1.30
N MET A 232 11.99 -25.95 1.62
CA MET A 232 10.75 -25.24 1.92
C MET A 232 9.97 -24.92 0.66
N GLY A 233 10.63 -24.93 -0.49
CA GLY A 233 9.90 -24.78 -1.74
C GLY A 233 8.89 -25.90 -1.93
N PHE A 234 9.24 -27.11 -1.51
CA PHE A 234 8.28 -28.20 -1.49
C PHE A 234 7.26 -28.00 -0.37
N LEU A 235 7.69 -27.43 0.75
CA LEU A 235 6.78 -27.19 1.87
C LEU A 235 5.69 -26.19 1.47
N LEU A 236 6.09 -25.05 0.95
CA LEU A 236 5.14 -24.04 0.47
C LEU A 236 4.85 -24.20 -1.01
N ASN A 237 4.55 -25.42 -1.42
CA ASN A 237 4.30 -25.69 -2.84
C ASN A 237 2.93 -25.17 -3.26
N GLN A 238 1.91 -25.35 -2.42
CA GLN A 238 0.56 -24.88 -2.69
C GLN A 238 0.04 -25.44 -4.01
N SER A 239 0.17 -24.67 -5.09
CA SER A 239 -0.25 -25.08 -6.42
C SER A 239 -1.73 -25.47 -6.46
N GLN A 266 -9.59 -20.90 -4.17
CA GLN A 266 -8.34 -20.26 -4.57
C GLN A 266 -7.27 -20.42 -3.48
N ASP A 267 -6.01 -20.28 -3.88
CA ASP A 267 -4.90 -20.41 -2.95
C ASP A 267 -4.83 -19.21 -2.00
N SER A 268 -4.14 -19.41 -0.89
CA SER A 268 -3.96 -18.36 0.10
C SER A 268 -2.81 -17.45 -0.30
N LEU A 269 -3.03 -16.14 -0.17
CA LEU A 269 -2.01 -15.18 -0.59
C LEU A 269 -0.80 -15.22 0.31
N ALA A 270 -0.97 -15.57 1.59
CA ALA A 270 0.15 -15.59 2.54
C ALA A 270 1.16 -16.66 2.17
N VAL A 271 0.71 -17.89 1.96
CA VAL A 271 1.60 -18.96 1.57
C VAL A 271 2.21 -18.68 0.21
N ARG A 272 1.45 -18.06 -0.69
CA ARG A 272 1.98 -17.70 -2.00
C ARG A 272 3.12 -16.70 -1.87
N ALA A 273 2.97 -15.69 -1.01
CA ALA A 273 4.03 -14.71 -0.80
C ALA A 273 5.25 -15.36 -0.17
N ALA A 274 5.05 -16.26 0.80
CA ALA A 274 6.18 -16.96 1.39
C ALA A 274 6.90 -17.81 0.35
N PHE A 275 6.14 -18.48 -0.52
CA PHE A 275 6.74 -19.29 -1.57
C PHE A 275 7.51 -18.44 -2.57
N VAL A 276 6.98 -17.26 -2.89
CA VAL A 276 7.69 -16.34 -3.80
C VAL A 276 9.00 -15.90 -3.17
N HIS A 277 8.98 -15.58 -1.89
CA HIS A 277 10.22 -15.21 -1.20
C HIS A 277 11.22 -16.35 -1.23
N ALA A 278 10.75 -17.58 -0.96
CA ALA A 278 11.63 -18.74 -0.99
C ALA A 278 12.21 -18.96 -2.38
N LEU A 279 11.39 -18.79 -3.42
CA LEU A 279 11.86 -18.97 -4.79
C LEU A 279 12.90 -17.92 -5.15
N GLY A 280 12.68 -16.67 -4.75
CA GLY A 280 13.69 -15.65 -4.99
C GLY A 280 15.00 -15.96 -4.29
N ASN A 281 14.92 -16.39 -3.03
CA ASN A 281 16.13 -16.77 -2.32
C ASN A 281 16.83 -17.93 -3.00
N LEU A 282 16.06 -18.91 -3.50
CA LEU A 282 16.64 -20.03 -4.21
C LEU A 282 17.34 -19.58 -5.49
N VAL A 283 16.74 -18.64 -6.21
CA VAL A 283 17.35 -18.14 -7.44
C VAL A 283 18.67 -17.45 -7.13
N GLN A 284 18.68 -16.60 -6.10
CA GLN A 284 19.93 -15.96 -5.72
C GLN A 284 20.97 -16.98 -5.28
N SER A 285 20.54 -18.00 -4.53
CA SER A 285 21.48 -19.01 -4.07
C SER A 285 22.09 -19.80 -5.23
N VAL A 286 21.27 -20.18 -6.21
CA VAL A 286 21.80 -20.93 -7.35
C VAL A 286 22.70 -20.03 -8.20
N GLY A 287 22.38 -18.74 -8.29
CA GLY A 287 23.28 -17.82 -8.98
C GLY A 287 24.63 -17.71 -8.30
N VAL A 288 24.62 -17.60 -6.98
CA VAL A 288 25.88 -17.54 -6.23
C VAL A 288 26.65 -18.85 -6.39
N LEU A 289 25.94 -19.98 -6.42
CA LEU A 289 26.58 -21.27 -6.63
C LEU A 289 27.26 -21.33 -7.99
N ILE A 290 26.56 -20.87 -9.02
CA ILE A 290 27.13 -20.88 -10.37
C ILE A 290 28.35 -19.98 -10.43
N ALA A 291 28.26 -18.79 -9.84
CA ALA A 291 29.40 -17.87 -9.85
C ALA A 291 30.59 -18.47 -9.10
N ALA A 292 30.35 -19.10 -7.95
CA ALA A 292 31.42 -19.70 -7.18
C ALA A 292 32.08 -20.83 -7.95
N TYR A 293 31.29 -21.67 -8.61
CA TYR A 293 31.87 -22.75 -9.39
C TYR A 293 32.68 -22.21 -10.57
N ILE A 294 32.19 -21.14 -11.21
CA ILE A 294 32.93 -20.54 -12.30
C ILE A 294 34.26 -19.97 -11.80
N ILE A 295 34.25 -19.35 -10.63
CA ILE A 295 35.48 -18.79 -10.07
C ILE A 295 36.45 -19.92 -9.69
N ARG A 296 35.93 -21.05 -9.21
CA ARG A 296 36.79 -22.11 -8.72
C ARG A 296 37.68 -22.67 -9.82
N PHE A 297 37.13 -22.89 -11.01
CA PHE A 297 37.90 -23.36 -12.14
C PHE A 297 38.31 -22.19 -13.02
N LYS A 298 39.58 -22.20 -13.46
CA LYS A 298 40.18 -21.08 -14.17
C LYS A 298 39.96 -19.82 -13.36
N PRO A 299 40.66 -19.64 -12.23
CA PRO A 299 40.36 -18.52 -11.36
C PRO A 299 41.03 -17.21 -11.75
N GLU A 300 41.49 -17.06 -12.99
CA GLU A 300 41.89 -15.74 -13.47
C GLU A 300 40.69 -14.90 -13.89
N TYR A 301 39.53 -15.52 -14.11
CA TYR A 301 38.33 -14.78 -14.46
C TYR A 301 37.97 -13.85 -13.31
N LYS A 302 37.56 -14.42 -12.18
CA LYS A 302 37.46 -13.71 -10.91
C LYS A 302 36.40 -12.60 -10.99
N ILE A 303 35.77 -12.43 -12.14
CA ILE A 303 34.87 -11.31 -12.39
C ILE A 303 33.42 -11.75 -12.51
N ALA A 304 33.15 -13.04 -12.75
CA ALA A 304 31.81 -13.49 -13.12
C ALA A 304 30.77 -13.28 -12.03
N ASP A 305 31.17 -13.06 -10.78
CA ASP A 305 30.20 -13.00 -9.69
C ASP A 305 29.21 -11.85 -9.82
N PRO A 306 29.62 -10.59 -10.03
CA PRO A 306 28.62 -9.53 -10.22
C PRO A 306 27.72 -9.74 -11.42
N ILE A 307 28.22 -10.34 -12.50
CA ILE A 307 27.38 -10.59 -13.67
C ILE A 307 26.22 -11.52 -13.30
N CYS A 308 26.55 -12.61 -12.61
CA CYS A 308 25.51 -13.53 -12.15
C CYS A 308 24.58 -12.83 -11.17
N THR A 309 25.13 -11.96 -10.32
CA THR A 309 24.29 -11.21 -9.39
C THR A 309 23.25 -10.39 -10.15
N TYR A 310 23.68 -9.67 -11.18
CA TYR A 310 22.75 -8.85 -11.97
C TYR A 310 21.69 -9.71 -12.65
N VAL A 311 22.13 -10.79 -13.31
CA VAL A 311 21.20 -11.62 -14.07
C VAL A 311 20.16 -12.23 -13.16
N PHE A 312 20.59 -12.78 -12.02
CA PHE A 312 19.64 -13.44 -11.14
C PHE A 312 18.83 -12.46 -10.30
N SER A 313 19.31 -11.22 -10.11
CA SER A 313 18.43 -10.18 -9.57
C SER A 313 17.31 -9.87 -10.55
N LEU A 314 17.63 -9.81 -11.84
CA LEU A 314 16.58 -9.64 -12.84
C LEU A 314 15.59 -10.80 -12.81
N LEU A 315 16.11 -12.02 -12.65
CA LEU A 315 15.23 -13.18 -12.56
C LEU A 315 14.35 -13.12 -11.31
N VAL A 316 14.89 -12.63 -10.19
CA VAL A 316 14.09 -12.46 -8.98
C VAL A 316 12.97 -11.47 -9.21
N ALA A 317 13.28 -10.36 -9.89
CA ALA A 317 12.23 -9.40 -10.23
C ALA A 317 11.17 -10.04 -11.11
N PHE A 318 11.59 -10.88 -12.06
CA PHE A 318 10.63 -11.61 -12.89
C PHE A 318 9.72 -12.48 -12.02
N THR A 319 10.29 -13.16 -11.03
CA THR A 319 9.48 -14.00 -10.15
C THR A 319 8.46 -13.16 -9.36
N THR A 320 8.89 -12.01 -8.85
CA THR A 320 8.01 -11.20 -8.02
C THR A 320 7.00 -10.37 -8.81
N PHE A 321 7.16 -10.28 -10.14
CA PHE A 321 6.26 -9.47 -10.94
C PHE A 321 4.81 -9.88 -10.76
N ARG A 322 4.53 -11.19 -10.81
CA ARG A 322 3.14 -11.65 -10.78
C ARG A 322 2.47 -11.33 -9.44
N ILE A 323 3.16 -11.59 -8.33
CA ILE A 323 2.58 -11.31 -7.03
C ILE A 323 2.41 -9.81 -6.82
N ILE A 324 3.35 -9.00 -7.33
CA ILE A 324 3.21 -7.55 -7.22
C ILE A 324 1.97 -7.10 -7.97
N TRP A 325 1.78 -7.60 -9.19
CA TRP A 325 0.62 -7.22 -10.00
C TRP A 325 -0.68 -7.63 -9.31
N ASP A 326 -0.73 -8.86 -8.79
CA ASP A 326 -1.95 -9.33 -8.15
C ASP A 326 -2.28 -8.49 -6.92
N THR A 327 -1.27 -8.20 -6.09
CA THR A 327 -1.53 -7.40 -4.90
C THR A 327 -1.99 -5.99 -5.25
N VAL A 328 -1.34 -5.37 -6.24
CA VAL A 328 -1.73 -4.02 -6.65
C VAL A 328 -3.16 -4.01 -7.18
N VAL A 329 -3.52 -5.02 -7.96
CA VAL A 329 -4.89 -5.12 -8.47
C VAL A 329 -5.87 -5.28 -7.31
N ILE A 330 -5.49 -6.06 -6.30
CA ILE A 330 -6.36 -6.27 -5.15
C ILE A 330 -6.60 -4.95 -4.42
N ILE A 331 -5.54 -4.17 -4.21
CA ILE A 331 -5.68 -2.90 -3.48
C ILE A 331 -6.50 -1.90 -4.28
N LEU A 332 -6.26 -1.82 -5.58
CA LEU A 332 -6.93 -0.82 -6.42
C LEU A 332 -8.39 -1.12 -6.67
N GLU A 333 -8.98 -2.07 -5.95
CA GLU A 333 -10.40 -2.43 -6.12
C GLU A 333 -10.69 -2.93 -7.53
N GLY A 334 -9.72 -3.62 -8.12
CA GLY A 334 -9.94 -4.26 -9.39
C GLY A 334 -10.44 -5.68 -9.23
N VAL A 335 -11.07 -6.20 -10.28
CA VAL A 335 -11.61 -7.55 -10.25
C VAL A 335 -10.45 -8.53 -10.18
N PRO A 336 -10.62 -9.70 -9.55
CA PRO A 336 -9.54 -10.68 -9.53
C PRO A 336 -9.23 -11.19 -10.93
N SER A 337 -7.97 -11.59 -11.13
CA SER A 337 -7.51 -11.98 -12.46
C SER A 337 -8.23 -13.21 -13.00
N HIS A 338 -8.86 -14.00 -12.13
CA HIS A 338 -9.54 -15.22 -12.55
C HIS A 338 -11.03 -15.01 -12.80
N LEU A 339 -11.46 -13.76 -13.00
CA LEU A 339 -12.86 -13.47 -13.24
C LEU A 339 -12.99 -12.43 -14.35
N ASN A 340 -13.94 -12.64 -15.25
CA ASN A 340 -14.25 -11.69 -16.31
C ASN A 340 -15.68 -11.20 -16.12
N VAL A 341 -15.86 -9.87 -16.16
CA VAL A 341 -17.16 -9.30 -15.86
C VAL A 341 -18.17 -9.64 -16.95
N ASP A 342 -17.72 -9.71 -18.21
CA ASP A 342 -18.64 -9.96 -19.32
C ASP A 342 -19.34 -11.30 -19.17
N TYR A 343 -18.59 -12.34 -18.81
CA TYR A 343 -19.20 -13.65 -18.60
C TYR A 343 -20.19 -13.62 -17.44
N ILE A 344 -19.80 -12.96 -16.34
CA ILE A 344 -20.70 -12.85 -15.20
C ILE A 344 -21.93 -12.03 -15.55
N LYS A 345 -21.74 -10.97 -16.33
CA LYS A 345 -22.88 -10.15 -16.75
C LYS A 345 -23.85 -10.95 -17.61
N GLU A 346 -23.31 -11.75 -18.54
CA GLU A 346 -24.18 -12.59 -19.37
C GLU A 346 -24.90 -13.63 -18.54
N ALA A 347 -24.21 -14.24 -17.57
CA ALA A 347 -24.85 -15.22 -16.71
C ALA A 347 -25.97 -14.59 -15.90
N LEU A 348 -25.74 -13.39 -15.37
CA LEU A 348 -26.79 -12.69 -14.62
C LEU A 348 -27.96 -12.34 -15.53
N MET A 349 -27.68 -11.89 -16.75
CA MET A 349 -28.74 -11.57 -17.69
C MET A 349 -29.52 -12.81 -18.10
N LYS A 350 -28.93 -14.00 -18.00
CA LYS A 350 -29.65 -15.22 -18.31
C LYS A 350 -30.73 -15.55 -17.30
N ILE A 351 -30.72 -14.91 -16.13
CA ILE A 351 -31.73 -15.19 -15.12
C ILE A 351 -33.09 -14.70 -15.60
N GLU A 352 -34.12 -15.49 -15.32
CA GLU A 352 -35.48 -15.13 -15.72
C GLU A 352 -35.91 -13.85 -15.02
N ASP A 353 -36.70 -13.04 -15.72
CA ASP A 353 -37.23 -11.78 -15.20
C ASP A 353 -36.12 -10.79 -14.86
N VAL A 354 -35.17 -10.67 -15.78
CA VAL A 354 -34.07 -9.71 -15.66
C VAL A 354 -33.99 -8.92 -16.96
N TYR A 355 -33.93 -7.60 -16.86
CA TYR A 355 -33.88 -6.74 -18.03
C TYR A 355 -32.48 -6.22 -18.34
N SER A 356 -31.70 -5.89 -17.32
CA SER A 356 -30.37 -5.32 -17.54
C SER A 356 -29.56 -5.44 -16.26
N VAL A 357 -28.28 -5.12 -16.38
CA VAL A 357 -27.36 -5.07 -15.24
C VAL A 357 -26.68 -3.71 -15.32
N GLU A 358 -27.18 -2.75 -14.54
CA GLU A 358 -26.70 -1.37 -14.66
C GLU A 358 -25.24 -1.26 -14.22
N ASP A 359 -24.87 -1.92 -13.12
CA ASP A 359 -23.49 -1.86 -12.65
C ASP A 359 -23.21 -3.16 -11.90
N LEU A 360 -21.99 -3.67 -12.07
CA LEU A 360 -21.63 -4.98 -11.56
C LEU A 360 -20.24 -4.90 -10.91
N ASN A 361 -20.09 -4.00 -9.94
CA ASN A 361 -18.81 -3.87 -9.24
C ASN A 361 -18.35 -5.21 -8.65
N ILE A 362 -17.07 -5.52 -8.84
CA ILE A 362 -16.45 -6.70 -8.23
C ILE A 362 -15.09 -6.28 -7.67
N TRP A 363 -14.82 -6.68 -6.43
CA TRP A 363 -13.52 -6.47 -5.83
C TRP A 363 -13.30 -7.54 -4.77
N SER A 364 -12.05 -7.71 -4.37
CA SER A 364 -11.66 -8.75 -3.43
C SER A 364 -10.95 -8.12 -2.24
N LEU A 365 -11.39 -8.47 -1.03
CA LEU A 365 -10.67 -8.06 0.17
C LEU A 365 -9.30 -8.70 0.22
N THR A 366 -9.20 -9.97 -0.14
CA THR A 366 -7.94 -10.67 -0.25
C THR A 366 -8.15 -11.87 -1.17
N SER A 367 -7.04 -12.56 -1.49
CA SER A 367 -7.11 -13.71 -2.36
C SER A 367 -8.02 -14.79 -1.77
N GLY A 368 -9.10 -15.10 -2.48
CA GLY A 368 -10.08 -16.06 -2.03
C GLY A 368 -11.33 -15.46 -1.42
N LYS A 369 -11.28 -14.19 -1.03
CA LYS A 369 -12.42 -13.49 -0.45
C LYS A 369 -12.75 -12.32 -1.37
N SER A 370 -13.66 -12.54 -2.31
CA SER A 370 -14.04 -11.54 -3.30
C SER A 370 -15.54 -11.30 -3.22
N THR A 371 -15.93 -10.03 -3.18
CA THR A 371 -17.33 -9.63 -3.08
C THR A 371 -17.79 -9.02 -4.40
N ALA A 372 -19.08 -8.67 -4.47
CA ALA A 372 -19.64 -8.09 -5.67
C ALA A 372 -20.86 -7.25 -5.32
N ILE A 373 -21.13 -6.26 -6.16
CA ILE A 373 -22.32 -5.42 -6.08
C ILE A 373 -23.02 -5.45 -7.43
N VAL A 374 -24.32 -5.73 -7.43
CA VAL A 374 -25.06 -5.98 -8.66
C VAL A 374 -26.33 -5.13 -8.65
N HIS A 375 -26.72 -4.64 -9.82
CA HIS A 375 -27.80 -3.67 -9.98
C HIS A 375 -28.82 -4.14 -11.02
N ILE A 376 -29.33 -5.36 -10.85
CA ILE A 376 -30.40 -5.85 -11.73
C ILE A 376 -31.55 -4.85 -11.82
N GLN A 377 -32.04 -4.69 -13.05
CA GLN A 377 -33.30 -4.00 -13.32
C GLN A 377 -34.35 -5.04 -13.75
N LEU A 378 -35.55 -4.90 -13.20
CA LEU A 378 -36.58 -5.90 -13.38
C LEU A 378 -37.33 -5.72 -14.69
N ILE A 379 -37.87 -6.83 -15.19
CA ILE A 379 -38.70 -6.82 -16.40
C ILE A 379 -39.97 -6.01 -16.12
N PRO A 380 -40.41 -5.15 -17.04
CA PRO A 380 -41.66 -4.42 -16.82
C PRO A 380 -42.85 -5.37 -16.69
N GLY A 381 -43.79 -5.00 -15.82
CA GLY A 381 -44.97 -5.79 -15.59
C GLY A 381 -44.83 -6.87 -14.55
N SER A 382 -43.61 -7.11 -14.05
CA SER A 382 -43.36 -8.11 -13.02
C SER A 382 -42.44 -7.49 -11.98
N SER A 383 -43.03 -6.85 -10.97
CA SER A 383 -42.27 -6.27 -9.87
C SER A 383 -42.42 -7.02 -8.56
N SER A 384 -43.51 -7.77 -8.39
CA SER A 384 -43.68 -8.55 -7.16
C SER A 384 -42.64 -9.65 -7.06
N LYS A 385 -42.24 -10.23 -8.21
CA LYS A 385 -41.27 -11.32 -8.23
C LYS A 385 -39.84 -10.77 -8.13
N TRP A 386 -39.59 -10.02 -7.05
CA TRP A 386 -38.28 -9.47 -6.78
C TRP A 386 -37.46 -10.32 -5.83
N GLU A 387 -38.10 -10.90 -4.81
CA GLU A 387 -37.37 -11.77 -3.88
C GLU A 387 -36.84 -12.99 -4.58
N GLU A 388 -37.63 -13.58 -5.49
CA GLU A 388 -37.17 -14.75 -6.23
C GLU A 388 -35.97 -14.42 -7.09
N VAL A 389 -36.00 -13.28 -7.78
CA VAL A 389 -34.88 -12.88 -8.61
C VAL A 389 -33.65 -12.63 -7.75
N GLN A 390 -33.82 -11.98 -6.60
CA GLN A 390 -32.70 -11.73 -5.71
C GLN A 390 -32.08 -13.03 -5.23
N SER A 391 -32.91 -13.98 -4.82
CA SER A 391 -32.39 -15.27 -4.35
C SER A 391 -31.68 -16.01 -5.47
N LYS A 392 -32.25 -16.01 -6.67
CA LYS A 392 -31.61 -16.68 -7.79
C LYS A 392 -30.25 -16.08 -8.10
N ALA A 393 -30.19 -14.75 -8.16
CA ALA A 393 -28.91 -14.09 -8.46
C ALA A 393 -27.88 -14.36 -7.38
N ASN A 394 -28.30 -14.30 -6.11
CA ASN A 394 -27.37 -14.54 -5.01
C ASN A 394 -26.83 -15.97 -5.07
N HIS A 395 -27.71 -16.95 -5.23
CA HIS A 395 -27.30 -18.34 -5.28
C HIS A 395 -26.37 -18.60 -6.47
N LEU A 396 -26.73 -18.06 -7.64
CA LEU A 396 -25.91 -18.25 -8.82
C LEU A 396 -24.52 -17.66 -8.61
N LEU A 397 -24.44 -16.40 -8.19
CA LEU A 397 -23.15 -15.77 -7.99
C LEU A 397 -22.31 -16.57 -7.00
N LEU A 398 -22.87 -16.86 -5.82
CA LEU A 398 -22.14 -17.61 -4.81
C LEU A 398 -21.62 -18.93 -5.36
N ASN A 399 -22.53 -19.82 -5.77
CA ASN A 399 -22.14 -21.17 -6.12
C ASN A 399 -21.20 -21.21 -7.31
N THR A 400 -21.50 -20.44 -8.36
CA THR A 400 -20.76 -20.59 -9.62
C THR A 400 -19.65 -19.57 -9.79
N PHE A 401 -19.37 -18.71 -8.81
CA PHE A 401 -18.21 -17.83 -8.92
C PHE A 401 -17.46 -17.63 -7.61
N GLY A 402 -17.79 -18.38 -6.56
CA GLY A 402 -17.18 -18.10 -5.28
C GLY A 402 -17.98 -17.06 -4.53
N MET A 403 -17.57 -15.81 -4.62
CA MET A 403 -18.36 -14.68 -4.12
C MET A 403 -18.66 -14.84 -2.62
N TYR A 404 -17.59 -14.77 -1.83
CA TYR A 404 -17.65 -14.95 -0.38
C TYR A 404 -18.85 -14.24 0.23
N ARG A 405 -19.19 -13.06 -0.31
CA ARG A 405 -20.48 -12.44 -0.02
C ARG A 405 -20.80 -11.49 -1.16
N CYS A 406 -22.08 -11.47 -1.56
CA CYS A 406 -22.51 -10.57 -2.63
C CYS A 406 -23.81 -9.92 -2.22
N THR A 407 -23.99 -8.67 -2.67
CA THR A 407 -25.22 -7.92 -2.42
C THR A 407 -25.73 -7.36 -3.74
N ILE A 408 -27.03 -7.45 -3.95
CA ILE A 408 -27.63 -6.97 -5.18
C ILE A 408 -28.78 -6.03 -4.84
N GLN A 409 -29.03 -5.09 -5.74
CA GLN A 409 -30.10 -4.11 -5.58
C GLN A 409 -30.99 -4.14 -6.82
N LEU A 410 -32.30 -4.21 -6.61
CA LEU A 410 -33.26 -4.32 -7.70
C LEU A 410 -33.98 -2.99 -7.92
N GLN A 411 -34.18 -2.63 -9.18
CA GLN A 411 -34.93 -1.45 -9.56
C GLN A 411 -36.02 -1.87 -10.54
N SER A 412 -37.21 -1.30 -10.38
CA SER A 412 -38.29 -1.57 -11.30
C SER A 412 -38.01 -0.89 -12.64
N TYR A 413 -38.80 -1.25 -13.65
CA TYR A 413 -38.59 -0.70 -14.98
C TYR A 413 -38.87 0.80 -15.00
N ARG A 414 -38.06 1.53 -15.74
CA ARG A 414 -38.22 2.97 -15.86
C ARG A 414 -39.07 3.35 -17.06
N CYS B 98 -27.80 19.19 -8.37
CA CYS B 98 -26.88 19.83 -9.30
C CYS B 98 -25.44 19.34 -9.09
N SER B 99 -25.31 18.18 -8.45
CA SER B 99 -24.01 17.62 -8.12
C SER B 99 -23.38 16.84 -9.26
N LYS B 100 -24.06 16.75 -10.42
CA LYS B 100 -23.50 16.00 -11.54
C LYS B 100 -22.19 16.62 -12.04
N GLN B 101 -22.13 17.94 -12.10
CA GLN B 101 -20.95 18.65 -12.58
C GLN B 101 -20.20 19.41 -11.49
N ARG B 102 -20.63 19.30 -10.23
CA ARG B 102 -19.95 20.02 -9.16
C ARG B 102 -18.51 19.52 -8.97
N GLU B 103 -18.31 18.21 -9.04
CA GLU B 103 -16.99 17.65 -8.78
C GLU B 103 -15.97 18.08 -9.83
N ILE B 104 -16.44 18.39 -11.05
CA ILE B 104 -15.53 18.80 -12.11
C ILE B 104 -14.80 20.08 -11.74
N LEU B 105 -15.54 21.04 -11.17
CA LEU B 105 -14.91 22.27 -10.71
C LEU B 105 -13.87 21.99 -9.63
N LYS B 106 -14.17 21.05 -8.73
CA LYS B 106 -13.23 20.71 -7.66
C LYS B 106 -11.94 20.13 -8.23
N GLN B 107 -12.05 19.20 -9.18
CA GLN B 107 -10.82 18.63 -9.73
C GLN B 107 -10.06 19.65 -10.56
N ARG B 108 -10.77 20.54 -11.25
CA ARG B 108 -10.10 21.61 -11.99
C ARG B 108 -9.31 22.51 -11.05
N LYS B 109 -9.92 22.92 -9.94
CA LYS B 109 -9.22 23.76 -8.97
C LYS B 109 -8.02 23.04 -8.37
N VAL B 110 -8.19 21.75 -8.03
CA VAL B 110 -7.10 20.99 -7.44
C VAL B 110 -5.94 20.89 -8.42
N LYS B 111 -6.24 20.58 -9.68
CA LYS B 111 -5.19 20.48 -10.69
C LYS B 111 -4.51 21.81 -10.90
N ALA B 112 -5.27 22.90 -10.97
CA ALA B 112 -4.66 24.21 -11.17
C ALA B 112 -3.72 24.55 -10.02
N ARG B 113 -4.16 24.30 -8.78
CA ARG B 113 -3.31 24.56 -7.62
C ARG B 113 -2.06 23.71 -7.66
N LEU B 114 -2.19 22.44 -8.06
CA LEU B 114 -1.03 21.56 -8.08
C LEU B 114 -0.01 21.97 -9.13
N THR B 115 -0.48 22.35 -10.33
CA THR B 115 0.47 22.83 -11.35
C THR B 115 1.10 24.16 -10.94
N ILE B 116 0.34 25.03 -10.27
CA ILE B 116 0.93 26.28 -9.78
C ILE B 116 2.03 25.98 -8.77
N ALA B 117 1.78 25.04 -7.86
CA ALA B 117 2.80 24.65 -6.89
C ALA B 117 4.01 24.05 -7.58
N ALA B 118 3.78 23.21 -8.60
CA ALA B 118 4.87 22.56 -9.30
C ALA B 118 5.75 23.59 -10.03
N VAL B 119 5.13 24.54 -10.71
CA VAL B 119 5.91 25.54 -11.42
C VAL B 119 6.64 26.45 -10.44
N LEU B 120 6.02 26.75 -9.28
CA LEU B 120 6.72 27.52 -8.26
C LEU B 120 7.94 26.76 -7.74
N TYR B 121 7.78 25.46 -7.50
CA TYR B 121 8.91 24.66 -7.04
C TYR B 121 10.03 24.62 -8.08
N LEU B 122 9.66 24.48 -9.36
CA LEU B 122 10.68 24.47 -10.41
C LEU B 122 11.39 25.81 -10.51
N LEU B 123 10.64 26.91 -10.40
CA LEU B 123 11.25 28.23 -10.46
C LEU B 123 12.21 28.44 -9.29
N PHE B 124 11.81 28.03 -8.08
CA PHE B 124 12.70 28.13 -6.94
C PHE B 124 13.92 27.24 -7.12
N MET B 125 13.74 26.05 -7.70
CA MET B 125 14.85 25.18 -8.02
C MET B 125 15.88 25.90 -8.89
N ILE B 126 15.41 26.48 -10.00
CA ILE B 126 16.33 27.15 -10.92
C ILE B 126 16.98 28.35 -10.26
N GLY B 127 16.20 29.11 -9.48
CA GLY B 127 16.77 30.27 -8.81
C GLY B 127 17.86 29.90 -7.82
N GLU B 128 17.62 28.89 -7.00
CA GLU B 128 18.65 28.46 -6.06
C GLU B 128 19.84 27.86 -6.79
N LEU B 129 19.62 27.19 -7.92
CA LEU B 129 20.73 26.62 -8.66
C LEU B 129 21.64 27.70 -9.23
N VAL B 130 21.05 28.73 -9.85
CA VAL B 130 21.88 29.80 -10.40
C VAL B 130 22.54 30.58 -9.27
N GLY B 131 21.82 30.80 -8.17
CA GLY B 131 22.42 31.48 -7.03
C GLY B 131 23.63 30.74 -6.49
N GLY B 132 23.52 29.43 -6.37
CA GLY B 132 24.69 28.63 -5.98
C GLY B 132 25.79 28.69 -7.01
N TYR B 133 25.44 28.72 -8.30
CA TYR B 133 26.46 28.77 -9.34
C TYR B 133 27.27 30.06 -9.24
N ILE B 134 26.61 31.20 -9.02
CA ILE B 134 27.35 32.45 -8.81
C ILE B 134 27.96 32.52 -7.41
N ALA B 135 27.60 31.60 -6.52
CA ALA B 135 28.20 31.53 -5.20
C ALA B 135 29.07 30.29 -5.00
N ASN B 136 29.33 29.55 -6.08
CA ASN B 136 30.20 28.36 -6.16
C ASN B 136 30.19 27.55 -4.86
N SER B 137 29.01 27.12 -4.42
CA SER B 137 28.88 26.30 -3.23
C SER B 137 27.97 25.12 -3.52
N LEU B 138 28.45 23.91 -3.21
CA LEU B 138 27.64 22.70 -3.40
C LEU B 138 26.59 22.55 -2.33
N ALA B 139 26.75 23.19 -1.17
CA ALA B 139 25.74 23.10 -0.12
C ALA B 139 24.42 23.69 -0.59
N ILE B 140 24.47 24.80 -1.33
CA ILE B 140 23.25 25.37 -1.90
C ILE B 140 22.64 24.42 -2.91
N MET B 141 23.49 23.75 -3.71
CA MET B 141 22.98 22.76 -4.65
C MET B 141 22.37 21.54 -3.96
N THR B 142 22.73 21.30 -2.69
CA THR B 142 22.22 20.10 -2.02
C THR B 142 20.71 20.16 -1.82
N ASP B 143 20.12 21.36 -1.77
CA ASP B 143 18.68 21.47 -1.66
C ASP B 143 17.96 21.15 -2.96
N ALA B 144 18.69 21.02 -4.07
CA ALA B 144 18.07 20.62 -5.32
C ALA B 144 17.44 19.25 -5.22
N LEU B 145 18.05 18.35 -4.43
CA LEU B 145 17.45 17.03 -4.24
C LEU B 145 16.12 17.11 -3.50
N HIS B 146 16.03 17.97 -2.49
CA HIS B 146 14.78 18.15 -1.77
C HIS B 146 13.71 18.74 -2.68
N MET B 147 14.08 19.74 -3.47
CA MET B 147 13.13 20.27 -4.45
C MET B 147 12.74 19.21 -5.48
N LEU B 148 13.69 18.35 -5.86
CA LEU B 148 13.39 17.26 -6.79
C LEU B 148 12.36 16.30 -6.23
N THR B 149 12.52 15.90 -4.95
CA THR B 149 11.55 14.94 -4.42
C THR B 149 10.19 15.59 -4.24
N ASN B 150 10.14 16.86 -3.84
CA ASN B 150 8.86 17.55 -3.76
C ASN B 150 8.18 17.62 -5.13
N LEU B 151 8.93 18.01 -6.15
CA LEU B 151 8.38 18.14 -7.50
C LEU B 151 7.94 16.78 -8.04
N SER B 152 8.73 15.73 -7.76
CA SER B 152 8.36 14.39 -8.23
C SER B 152 7.09 13.91 -7.54
N ALA B 153 6.95 14.18 -6.24
CA ALA B 153 5.70 13.82 -5.56
C ALA B 153 4.51 14.54 -6.17
N ILE B 154 4.66 15.84 -6.47
CA ILE B 154 3.57 16.58 -7.06
C ILE B 154 3.24 16.06 -8.45
N ILE B 155 4.27 15.71 -9.23
CA ILE B 155 4.05 15.20 -10.58
C ILE B 155 3.34 13.85 -10.54
N LEU B 156 3.75 12.97 -9.64
CA LEU B 156 3.07 11.69 -9.49
C LEU B 156 1.63 11.89 -9.04
N THR B 157 1.39 12.86 -8.17
CA THR B 157 0.02 13.18 -7.77
C THR B 157 -0.80 13.64 -8.96
N LEU B 158 -0.23 14.48 -9.81
CA LEU B 158 -0.95 14.96 -11.00
C LEU B 158 -1.26 13.81 -11.94
N LEU B 159 -0.30 12.90 -12.15
CA LEU B 159 -0.55 11.74 -13.00
C LEU B 159 -1.65 10.86 -12.40
N ALA B 160 -1.61 10.65 -11.08
CA ALA B 160 -2.64 9.84 -10.44
C ALA B 160 -4.02 10.48 -10.59
N LEU B 161 -4.11 11.80 -10.45
CA LEU B 161 -5.39 12.47 -10.63
C LEU B 161 -5.88 12.36 -12.07
N TRP B 162 -4.98 12.53 -13.04
CA TRP B 162 -5.37 12.41 -14.43
C TRP B 162 -5.89 11.01 -14.74
N LEU B 163 -5.22 9.99 -14.21
CA LEU B 163 -5.70 8.62 -14.39
C LEU B 163 -7.04 8.41 -13.69
N SER B 164 -7.20 9.00 -12.49
CA SER B 164 -8.45 8.87 -11.76
C SER B 164 -9.61 9.52 -12.50
N SER B 165 -9.33 10.54 -13.32
CA SER B 165 -10.39 11.16 -14.11
C SER B 165 -10.96 10.24 -15.18
N LYS B 166 -10.31 9.11 -15.46
CA LYS B 166 -10.78 8.20 -16.48
C LYS B 166 -12.03 7.45 -16.01
N SER B 167 -12.82 6.99 -16.99
CA SER B 167 -14.02 6.24 -16.68
C SER B 167 -13.65 4.81 -16.26
N PRO B 168 -14.48 4.16 -15.45
CA PRO B 168 -14.17 2.79 -15.03
C PRO B 168 -14.14 1.83 -16.21
N THR B 169 -13.22 0.87 -16.13
CA THR B 169 -13.03 -0.12 -17.17
C THR B 169 -13.64 -1.45 -16.73
N LYS B 170 -13.44 -2.49 -17.55
CA LYS B 170 -13.96 -3.81 -17.23
C LYS B 170 -13.08 -4.58 -16.26
N ARG B 171 -11.83 -4.15 -16.06
CA ARG B 171 -10.96 -4.74 -15.06
C ARG B 171 -11.05 -4.03 -13.71
N PHE B 172 -11.23 -2.72 -13.72
CA PHE B 172 -11.45 -1.92 -12.52
C PHE B 172 -12.88 -1.42 -12.56
N THR B 173 -13.78 -2.15 -11.90
CA THR B 173 -15.19 -1.77 -11.91
C THR B 173 -15.40 -0.41 -11.26
N PHE B 174 -14.72 -0.14 -10.15
CA PHE B 174 -14.65 1.21 -9.63
C PHE B 174 -13.63 2.02 -10.41
N GLY B 175 -13.64 3.33 -10.20
CA GLY B 175 -12.69 4.19 -10.87
C GLY B 175 -11.27 3.95 -10.43
N PHE B 176 -10.34 4.76 -10.95
CA PHE B 176 -8.94 4.69 -10.56
C PHE B 176 -8.61 5.60 -9.38
N HIS B 177 -9.59 5.88 -8.52
CA HIS B 177 -9.38 6.84 -7.45
C HIS B 177 -8.34 6.37 -6.44
N ARG B 178 -8.13 5.06 -6.33
CA ARG B 178 -7.12 4.56 -5.40
C ARG B 178 -5.72 4.95 -5.81
N LEU B 179 -5.52 5.37 -7.05
CA LEU B 179 -4.21 5.86 -7.47
C LEU B 179 -3.82 7.13 -6.72
N GLU B 180 -4.80 7.97 -6.39
CA GLU B 180 -4.51 9.16 -5.58
C GLU B 180 -4.03 8.77 -4.19
N VAL B 181 -4.67 7.77 -3.58
CA VAL B 181 -4.21 7.27 -2.29
C VAL B 181 -2.80 6.70 -2.39
N LEU B 182 -2.54 5.94 -3.45
CA LEU B 182 -1.20 5.40 -3.66
C LEU B 182 -0.17 6.51 -3.80
N SER B 183 -0.51 7.58 -4.53
CA SER B 183 0.39 8.72 -4.66
C SER B 183 0.62 9.40 -3.32
N ALA B 184 -0.41 9.45 -2.47
CA ALA B 184 -0.23 10.01 -1.13
C ALA B 184 0.76 9.16 -0.32
N MET B 185 0.63 7.84 -0.39
CA MET B 185 1.61 6.99 0.26
C MET B 185 3.01 7.20 -0.30
N ILE B 186 3.12 7.38 -1.62
CA ILE B 186 4.42 7.61 -2.22
C ILE B 186 5.03 8.91 -1.69
N SER B 187 4.23 9.97 -1.59
CA SER B 187 4.72 11.24 -1.07
C SER B 187 5.18 11.11 0.37
N VAL B 188 4.40 10.39 1.19
CA VAL B 188 4.79 10.17 2.58
C VAL B 188 6.09 9.36 2.64
N LEU B 189 6.24 8.38 1.75
CA LEU B 189 7.46 7.60 1.71
C LEU B 189 8.65 8.46 1.32
N LEU B 190 8.47 9.39 0.37
CA LEU B 190 9.57 10.28 0.00
C LEU B 190 9.97 11.20 1.14
N VAL B 191 9.01 11.77 1.85
CA VAL B 191 9.39 12.66 2.95
C VAL B 191 10.06 11.85 4.06
N TYR B 192 9.59 10.63 4.31
CA TYR B 192 10.26 9.77 5.29
C TYR B 192 11.68 9.42 4.84
N ILE B 193 11.88 9.18 3.54
CA ILE B 193 13.21 8.86 3.03
C ILE B 193 14.14 10.06 3.19
N LEU B 194 13.65 11.25 2.90
CA LEU B 194 14.46 12.45 3.08
C LEU B 194 14.82 12.65 4.54
N MET B 195 13.85 12.43 5.44
CA MET B 195 14.12 12.53 6.86
C MET B 195 15.15 11.49 7.29
N GLY B 196 15.07 10.29 6.74
CA GLY B 196 16.05 9.26 7.08
C GLY B 196 17.45 9.61 6.59
N PHE B 197 17.54 10.20 5.39
CA PHE B 197 18.84 10.66 4.90
C PHE B 197 19.42 11.74 5.81
N LEU B 198 18.57 12.69 6.23
CA LEU B 198 19.02 13.71 7.17
C LEU B 198 19.45 13.09 8.50
N LEU B 199 18.70 12.09 8.96
CA LEU B 199 19.03 11.42 10.21
C LEU B 199 20.37 10.70 10.12
N TYR B 200 20.63 10.02 9.00
CA TYR B 200 21.91 9.36 8.80
C TYR B 200 23.05 10.37 8.75
N GLU B 201 22.83 11.50 8.06
CA GLU B 201 23.85 12.54 8.02
C GLU B 201 24.13 13.08 9.42
N ALA B 202 23.08 13.23 10.22
CA ALA B 202 23.27 13.73 11.59
C ALA B 202 23.98 12.71 12.46
N VAL B 203 23.64 11.43 12.33
CA VAL B 203 24.28 10.40 13.14
C VAL B 203 25.74 10.25 12.75
N GLN B 204 26.07 10.50 11.48
CA GLN B 204 27.48 10.58 11.10
C GLN B 204 28.09 11.89 11.54
N ARG B 205 27.28 12.92 11.78
CA ARG B 205 27.77 14.20 12.25
C ARG B 205 28.15 14.16 13.73
N THR B 206 27.37 13.45 14.54
CA THR B 206 27.62 13.40 15.98
C THR B 206 28.89 12.64 16.33
N ILE B 207 29.46 11.88 15.40
CA ILE B 207 30.71 11.18 15.60
C ILE B 207 31.68 11.62 14.51
N HIS B 208 32.90 11.06 14.55
CA HIS B 208 34.01 11.35 13.65
C HIS B 208 34.58 12.75 13.83
N MET B 209 33.98 13.57 14.70
CA MET B 209 34.54 14.84 15.18
C MET B 209 34.67 15.84 14.02
N ASN B 210 34.88 17.12 14.36
CA ASN B 210 35.12 18.27 13.47
C ASN B 210 33.88 18.71 12.72
N TYR B 211 32.82 17.90 12.75
CA TYR B 211 31.44 18.27 12.44
C TYR B 211 31.27 18.96 11.08
N GLU B 212 32.32 19.00 10.25
CA GLU B 212 32.27 19.58 8.91
C GLU B 212 31.58 20.95 8.91
N ILE B 213 32.23 21.89 9.60
CA ILE B 213 31.64 23.21 9.82
C ILE B 213 31.34 23.90 8.50
N ASN B 214 30.16 24.50 8.39
CA ASN B 214 29.78 25.29 7.23
C ASN B 214 29.71 26.78 7.56
N GLY B 215 28.93 27.16 8.57
CA GLY B 215 28.89 28.54 9.01
C GLY B 215 27.73 29.35 8.50
N ASP B 216 28.03 30.51 7.91
CA ASP B 216 26.98 31.43 7.46
C ASP B 216 26.16 30.81 6.35
N ILE B 217 26.80 30.08 5.43
CA ILE B 217 26.10 29.51 4.28
C ILE B 217 25.01 28.55 4.70
N MET B 218 25.10 27.97 5.90
CA MET B 218 24.01 27.15 6.40
C MET B 218 22.79 27.98 6.75
N LEU B 219 23.00 29.21 7.20
CA LEU B 219 21.87 30.09 7.51
C LEU B 219 21.09 30.46 6.25
N ILE B 220 21.79 30.71 5.14
CA ILE B 220 21.13 31.16 3.93
C ILE B 220 20.25 30.07 3.35
N THR B 221 20.77 28.85 3.24
CA THR B 221 19.97 27.75 2.70
C THR B 221 18.79 27.42 3.61
N ALA B 222 18.91 27.72 4.90
CA ALA B 222 17.76 27.57 5.79
C ALA B 222 16.81 28.77 5.70
N ALA B 223 17.35 29.96 5.46
CA ALA B 223 16.51 31.15 5.34
C ALA B 223 15.58 31.03 4.14
N VAL B 224 16.09 30.53 3.00
CA VAL B 224 15.24 30.33 1.85
C VAL B 224 14.35 29.10 2.00
N GLY B 225 14.74 28.14 2.82
CA GLY B 225 13.90 26.96 3.03
C GLY B 225 12.60 27.29 3.72
N VAL B 226 12.65 28.12 4.77
CA VAL B 226 11.44 28.56 5.44
C VAL B 226 10.66 29.52 4.54
N ALA B 227 11.36 30.41 3.84
CA ALA B 227 10.69 31.39 2.99
C ALA B 227 9.96 30.71 1.83
N VAL B 228 10.58 29.70 1.23
CA VAL B 228 9.93 28.98 0.14
C VAL B 228 8.73 28.19 0.66
N ASN B 229 8.91 27.47 1.76
CA ASN B 229 7.88 26.55 2.21
C ASN B 229 6.69 27.26 2.82
N VAL B 230 6.88 28.44 3.41
CA VAL B 230 5.75 29.18 3.94
C VAL B 230 4.84 29.65 2.81
N ILE B 231 5.41 29.94 1.64
CA ILE B 231 4.60 30.29 0.49
C ILE B 231 3.76 29.10 0.04
N MET B 232 4.38 27.92 -0.04
CA MET B 232 3.65 26.73 -0.43
C MET B 232 2.61 26.35 0.61
N GLY B 233 2.86 26.66 1.88
CA GLY B 233 1.87 26.36 2.92
C GLY B 233 0.59 27.13 2.74
N PHE B 234 0.69 28.42 2.43
CA PHE B 234 -0.51 29.22 2.19
C PHE B 234 -1.21 28.78 0.93
N LEU B 235 -0.45 28.36 -0.09
CA LEU B 235 -1.06 27.88 -1.33
C LEU B 235 -1.90 26.64 -1.08
N LEU B 236 -1.32 25.63 -0.43
CA LEU B 236 -2.01 24.38 -0.14
C LEU B 236 -2.64 24.40 1.25
N ASN B 237 -3.43 25.44 1.53
CA ASN B 237 -3.95 25.62 2.88
C ASN B 237 -5.21 24.78 3.11
N GLN B 238 -6.09 24.71 2.12
CA GLN B 238 -7.37 24.03 2.23
C GLN B 238 -8.20 24.57 3.39
N SER B 239 -8.11 23.92 4.54
CA SER B 239 -8.84 24.31 5.75
C SER B 239 -10.35 24.39 5.50
N GLN B 266 -15.76 17.25 1.51
CA GLN B 266 -14.52 16.94 2.23
C GLN B 266 -13.30 17.46 1.45
N ASP B 267 -12.18 17.59 2.15
CA ASP B 267 -10.96 18.07 1.53
C ASP B 267 -10.39 17.00 0.60
N SER B 268 -9.52 17.44 -0.32
CA SER B 268 -8.88 16.55 -1.26
C SER B 268 -7.62 15.94 -0.64
N LEU B 269 -7.46 14.63 -0.82
CA LEU B 269 -6.34 13.94 -0.20
C LEU B 269 -5.03 14.32 -0.87
N ALA B 270 -5.04 14.62 -2.17
CA ALA B 270 -3.81 14.91 -2.88
C ALA B 270 -3.20 16.23 -2.41
N VAL B 271 -4.00 17.29 -2.36
CA VAL B 271 -3.50 18.57 -1.87
C VAL B 271 -3.16 18.47 -0.40
N ARG B 272 -3.88 17.65 0.35
CA ARG B 272 -3.54 17.44 1.76
C ARG B 272 -2.16 16.80 1.91
N ALA B 273 -1.85 15.81 1.08
CA ALA B 273 -0.54 15.18 1.13
C ALA B 273 0.56 16.17 0.73
N ALA B 274 0.29 16.98 -0.29
CA ALA B 274 1.26 17.99 -0.69
C ALA B 274 1.49 19.00 0.44
N PHE B 275 0.42 19.40 1.12
CA PHE B 275 0.54 20.33 2.24
C PHE B 275 1.32 19.70 3.39
N VAL B 276 1.10 18.41 3.65
CA VAL B 276 1.84 17.72 4.70
C VAL B 276 3.32 17.69 4.37
N HIS B 277 3.65 17.41 3.10
CA HIS B 277 5.05 17.43 2.69
C HIS B 277 5.65 18.83 2.86
N ALA B 278 4.90 19.86 2.48
CA ALA B 278 5.39 21.23 2.64
C ALA B 278 5.59 21.57 4.11
N LEU B 279 4.68 21.14 4.98
CA LEU B 279 4.81 21.41 6.41
C LEU B 279 6.02 20.69 7.00
N GLY B 280 6.25 19.45 6.60
CA GLY B 280 7.43 18.75 7.06
C GLY B 280 8.71 19.44 6.62
N ASN B 281 8.76 19.88 5.36
CA ASN B 281 9.93 20.60 4.87
C ASN B 281 10.11 21.90 5.63
N LEU B 282 9.01 22.59 5.95
CA LEU B 282 9.09 23.82 6.73
C LEU B 282 9.64 23.55 8.13
N VAL B 283 9.20 22.45 8.75
CA VAL B 283 9.69 22.12 10.09
C VAL B 283 11.18 21.84 10.05
N GLN B 284 11.64 21.07 9.07
CA GLN B 284 13.07 20.82 8.96
C GLN B 284 13.84 22.11 8.69
N SER B 285 13.27 22.99 7.85
CA SER B 285 13.95 24.25 7.53
C SER B 285 14.07 25.13 8.77
N VAL B 286 13.02 25.23 9.56
CA VAL B 286 13.09 26.07 10.76
C VAL B 286 14.02 25.45 11.79
N GLY B 287 14.08 24.11 11.85
CA GLY B 287 15.06 23.47 12.73
C GLY B 287 16.48 23.77 12.31
N VAL B 288 16.77 23.70 11.01
CA VAL B 288 18.11 24.03 10.53
C VAL B 288 18.41 25.49 10.78
N LEU B 289 17.41 26.36 10.64
CA LEU B 289 17.60 27.78 10.93
C LEU B 289 17.98 28.01 12.39
N ILE B 290 17.25 27.35 13.30
CA ILE B 290 17.54 27.47 14.73
C ILE B 290 18.95 26.96 15.03
N ALA B 291 19.31 25.81 14.45
CA ALA B 291 20.63 25.25 14.68
C ALA B 291 21.73 26.18 14.16
N ALA B 292 21.54 26.75 12.97
CA ALA B 292 22.51 27.68 12.43
C ALA B 292 22.65 28.92 13.29
N TYR B 293 21.53 29.42 13.81
CA TYR B 293 21.59 30.61 14.65
C TYR B 293 22.33 30.32 15.95
N ILE B 294 22.05 29.18 16.59
CA ILE B 294 22.72 28.91 17.87
C ILE B 294 24.20 28.62 17.62
N ILE B 295 24.55 28.04 16.47
CA ILE B 295 25.95 27.84 16.15
C ILE B 295 26.63 29.19 15.92
N ARG B 296 25.94 30.13 15.29
CA ARG B 296 26.56 31.40 14.93
C ARG B 296 27.01 32.17 16.16
N PHE B 297 26.18 32.24 17.19
CA PHE B 297 26.56 32.91 18.43
C PHE B 297 27.13 31.89 19.41
N LYS B 298 28.22 32.29 20.09
CA LYS B 298 28.97 31.40 20.97
C LYS B 298 29.32 30.14 20.21
N PRO B 299 30.28 30.18 19.27
CA PRO B 299 30.53 29.03 18.43
C PRO B 299 31.44 27.96 19.02
N GLU B 300 31.66 27.96 20.35
CA GLU B 300 32.32 26.81 20.97
C GLU B 300 31.36 25.64 21.15
N TYR B 301 30.05 25.90 21.06
CA TYR B 301 29.06 24.83 21.13
C TYR B 301 29.27 23.86 19.98
N LYS B 302 29.04 24.33 18.75
CA LYS B 302 29.44 23.62 17.53
C LYS B 302 28.70 22.30 17.37
N ILE B 303 27.85 21.94 18.34
CA ILE B 303 27.24 20.61 18.38
C ILE B 303 25.73 20.64 18.31
N ALA B 304 25.08 21.81 18.37
CA ALA B 304 23.62 21.85 18.52
C ALA B 304 22.87 21.31 17.32
N ASP B 305 23.52 21.19 16.15
CA ASP B 305 22.78 20.83 14.94
C ASP B 305 22.16 19.43 15.00
N PRO B 306 22.88 18.37 15.38
CA PRO B 306 22.24 17.03 15.39
C PRO B 306 21.04 16.92 16.32
N ILE B 307 21.06 17.57 17.49
CA ILE B 307 19.92 17.48 18.39
C ILE B 307 18.70 18.14 17.77
N CYS B 308 18.88 19.30 17.14
CA CYS B 308 17.77 19.93 16.44
C CYS B 308 17.28 19.03 15.32
N THR B 309 18.19 18.37 14.61
CA THR B 309 17.78 17.44 13.55
C THR B 309 16.91 16.33 14.11
N TYR B 310 17.31 15.73 15.24
CA TYR B 310 16.53 14.65 15.83
C TYR B 310 15.15 15.15 16.27
N VAL B 311 15.11 16.28 16.98
CA VAL B 311 13.85 16.77 17.52
C VAL B 311 12.88 17.10 16.40
N PHE B 312 13.36 17.79 15.37
CA PHE B 312 12.46 18.18 14.30
C PHE B 312 12.15 17.03 13.33
N SER B 313 12.98 15.99 13.28
CA SER B 313 12.55 14.77 12.61
C SER B 313 11.40 14.12 13.35
N LEU B 314 11.47 14.11 14.69
CA LEU B 314 10.35 13.61 15.48
C LEU B 314 9.09 14.44 15.23
N LEU B 315 9.26 15.76 15.12
CA LEU B 315 8.12 16.63 14.83
C LEU B 315 7.55 16.35 13.44
N VAL B 316 8.41 16.07 12.47
CA VAL B 316 7.95 15.72 11.13
C VAL B 316 7.14 14.43 11.17
N ALA B 317 7.61 13.44 11.94
CA ALA B 317 6.85 12.21 12.10
C ALA B 317 5.49 12.50 12.74
N PHE B 318 5.47 13.40 13.72
CA PHE B 318 4.20 13.80 14.33
C PHE B 318 3.26 14.40 13.30
N THR B 319 3.78 15.23 12.40
CA THR B 319 2.94 15.82 11.36
C THR B 319 2.39 14.77 10.42
N THR B 320 3.22 13.79 10.03
CA THR B 320 2.79 12.79 9.07
C THR B 320 1.93 11.68 9.68
N PHE B 321 1.85 11.61 11.01
CA PHE B 321 1.08 10.55 11.66
C PHE B 321 -0.37 10.53 11.19
N ARG B 322 -1.02 11.71 11.15
CA ARG B 322 -2.45 11.74 10.84
C ARG B 322 -2.72 11.29 9.41
N ILE B 323 -1.93 11.76 8.45
CA ILE B 323 -2.15 11.36 7.07
C ILE B 323 -1.84 9.88 6.87
N ILE B 324 -0.82 9.37 7.57
CA ILE B 324 -0.52 7.94 7.49
C ILE B 324 -1.70 7.13 7.99
N TRP B 325 -2.26 7.53 9.14
CA TRP B 325 -3.38 6.81 9.71
C TRP B 325 -4.59 6.86 8.79
N ASP B 326 -4.89 8.03 8.23
CA ASP B 326 -6.05 8.15 7.36
C ASP B 326 -5.88 7.28 6.11
N THR B 327 -4.70 7.31 5.50
CA THR B 327 -4.47 6.51 4.30
C THR B 327 -4.57 5.02 4.60
N VAL B 328 -3.98 4.58 5.72
CA VAL B 328 -4.04 3.16 6.08
C VAL B 328 -5.48 2.73 6.32
N VAL B 329 -6.26 3.58 7.00
CA VAL B 329 -7.67 3.26 7.23
C VAL B 329 -8.41 3.17 5.90
N ILE B 330 -8.09 4.07 4.96
CA ILE B 330 -8.75 4.03 3.66
C ILE B 330 -8.45 2.72 2.93
N ILE B 331 -7.19 2.29 2.95
CA ILE B 331 -6.82 1.07 2.24
C ILE B 331 -7.46 -0.15 2.90
N LEU B 332 -7.46 -0.20 4.22
CA LEU B 332 -7.94 -1.38 4.94
C LEU B 332 -9.46 -1.52 4.91
N GLU B 333 -10.16 -0.74 4.07
CA GLU B 333 -11.62 -0.80 3.96
C GLU B 333 -12.31 -0.45 5.26
N GLY B 334 -11.69 0.45 6.04
CA GLY B 334 -12.34 0.97 7.22
C GLY B 334 -13.18 2.19 6.91
N VAL B 335 -14.13 2.48 7.81
CA VAL B 335 -15.01 3.62 7.64
C VAL B 335 -14.18 4.90 7.74
N PRO B 336 -14.57 5.98 7.06
CA PRO B 336 -13.84 7.24 7.22
C PRO B 336 -13.96 7.77 8.64
N SER B 337 -12.94 8.51 9.07
CA SER B 337 -12.88 8.97 10.45
C SER B 337 -14.00 9.94 10.80
N HIS B 338 -14.66 10.53 9.82
CA HIS B 338 -15.73 11.48 10.05
C HIS B 338 -17.11 10.85 10.02
N LEU B 339 -17.20 9.53 10.14
CA LEU B 339 -18.48 8.83 10.12
C LEU B 339 -18.49 7.78 11.22
N ASN B 340 -19.64 7.65 11.89
CA ASN B 340 -19.84 6.65 12.93
C ASN B 340 -20.97 5.73 12.52
N VAL B 341 -20.75 4.42 12.69
CA VAL B 341 -21.73 3.43 12.24
C VAL B 341 -23.01 3.51 13.06
N ASP B 342 -22.89 3.73 14.37
CA ASP B 342 -24.07 3.70 15.24
C ASP B 342 -25.07 4.78 14.84
N TYR B 343 -24.59 6.00 14.56
CA TYR B 343 -25.50 7.08 14.18
C TYR B 343 -26.18 6.78 12.86
N ILE B 344 -25.43 6.29 11.88
CA ILE B 344 -26.00 5.97 10.57
C ILE B 344 -27.01 4.83 10.70
N LYS B 345 -26.66 3.81 11.51
CA LYS B 345 -27.57 2.69 11.70
C LYS B 345 -28.87 3.14 12.36
N GLU B 346 -28.77 4.01 13.36
CA GLU B 346 -29.98 4.53 14.00
C GLU B 346 -30.80 5.37 13.03
N ALA B 347 -30.12 6.17 12.20
CA ALA B 347 -30.84 7.00 11.23
C ALA B 347 -31.60 6.14 10.23
N LEU B 348 -30.98 5.07 9.74
CA LEU B 348 -31.68 4.17 8.82
C LEU B 348 -32.81 3.43 9.52
N MET B 349 -32.59 3.04 10.78
CA MET B 349 -33.65 2.39 11.54
C MET B 349 -34.83 3.31 11.79
N LYS B 350 -34.60 4.63 11.77
CA LYS B 350 -35.69 5.58 11.94
C LYS B 350 -36.63 5.62 10.74
N ILE B 351 -36.23 5.04 9.60
CA ILE B 351 -37.07 5.06 8.41
C ILE B 351 -38.30 4.18 8.63
N GLU B 352 -39.44 4.64 8.13
CA GLU B 352 -40.67 3.89 8.27
C GLU B 352 -40.57 2.56 7.51
N ASP B 353 -41.20 1.53 8.07
CA ASP B 353 -41.23 0.19 7.48
C ASP B 353 -39.83 -0.41 7.39
N VAL B 354 -39.08 -0.30 8.48
CA VAL B 354 -37.75 -0.88 8.61
C VAL B 354 -37.69 -1.65 9.92
N TYR B 355 -37.23 -2.90 9.87
CA TYR B 355 -37.16 -3.74 11.05
C TYR B 355 -35.77 -3.85 11.64
N SER B 356 -34.73 -3.93 10.80
CA SER B 356 -33.37 -4.10 11.29
C SER B 356 -32.40 -3.71 10.19
N VAL B 357 -31.13 -3.62 10.57
CA VAL B 357 -30.03 -3.37 9.64
C VAL B 357 -29.02 -4.48 9.87
N GLU B 358 -29.05 -5.52 9.04
CA GLU B 358 -28.21 -6.69 9.28
C GLU B 358 -26.73 -6.35 9.11
N ASP B 359 -26.38 -5.57 8.10
CA ASP B 359 -25.00 -5.21 7.85
C ASP B 359 -24.99 -3.87 7.14
N LEU B 360 -24.02 -3.02 7.50
CA LEU B 360 -23.96 -1.66 6.99
C LEU B 360 -22.51 -1.33 6.61
N ASN B 361 -21.90 -2.18 5.78
CA ASN B 361 -20.52 -1.96 5.35
C ASN B 361 -20.34 -0.58 4.75
N ILE B 362 -19.29 0.11 5.20
CA ILE B 362 -18.95 1.44 4.72
C ILE B 362 -17.45 1.51 4.47
N TRP B 363 -17.07 2.00 3.30
CA TRP B 363 -15.66 2.20 2.98
C TRP B 363 -15.56 3.31 1.94
N SER B 364 -14.35 3.84 1.78
CA SER B 364 -14.10 4.96 0.89
C SER B 364 -13.03 4.59 -0.12
N LEU B 365 -13.31 4.83 -1.40
CA LEU B 365 -12.29 4.67 -2.43
C LEU B 365 -11.16 5.68 -2.23
N THR B 366 -11.52 6.92 -1.90
CA THR B 366 -10.56 7.95 -1.57
C THR B 366 -11.27 9.01 -0.74
N SER B 367 -10.50 9.96 -0.23
CA SER B 367 -11.06 11.03 0.60
C SER B 367 -12.10 11.82 -0.19
N GLY B 368 -13.35 11.78 0.26
CA GLY B 368 -14.44 12.44 -0.40
C GLY B 368 -15.33 11.52 -1.21
N LYS B 369 -14.85 10.33 -1.55
CA LYS B 369 -15.62 9.35 -2.31
C LYS B 369 -15.76 8.11 -1.43
N SER B 370 -16.86 8.03 -0.70
CA SER B 370 -17.13 6.94 0.22
C SER B 370 -18.45 6.28 -0.13
N THR B 371 -18.45 4.96 -0.21
CA THR B 371 -19.62 4.18 -0.56
C THR B 371 -20.13 3.42 0.66
N ALA B 372 -21.25 2.71 0.47
CA ALA B 372 -21.85 1.96 1.56
C ALA B 372 -22.68 0.81 1.00
N ILE B 373 -22.79 -0.25 1.82
CA ILE B 373 -23.65 -1.40 1.52
C ILE B 373 -24.57 -1.60 2.71
N VAL B 374 -25.87 -1.71 2.45
CA VAL B 374 -26.89 -1.67 3.49
C VAL B 374 -27.85 -2.84 3.28
N HIS B 375 -28.30 -3.43 4.39
CA HIS B 375 -29.06 -4.69 4.38
C HIS B 375 -30.35 -4.57 5.20
N ILE B 376 -31.15 -3.54 4.92
CA ILE B 376 -32.46 -3.41 5.56
C ILE B 376 -33.27 -4.69 5.45
N GLN B 377 -33.92 -5.05 6.55
CA GLN B 377 -34.96 -6.08 6.59
C GLN B 377 -36.31 -5.41 6.79
N LEU B 378 -37.30 -5.84 6.01
CA LEU B 378 -38.59 -5.19 5.96
C LEU B 378 -39.49 -5.60 7.12
N ILE B 379 -40.40 -4.71 7.47
CA ILE B 379 -41.40 -5.01 8.51
C ILE B 379 -42.31 -6.14 8.03
N PRO B 380 -42.64 -7.11 8.86
CA PRO B 380 -43.57 -8.16 8.42
C PRO B 380 -44.93 -7.59 8.05
N GLY B 381 -45.54 -8.19 7.04
CA GLY B 381 -46.85 -7.77 6.57
C GLY B 381 -46.82 -6.66 5.53
N SER B 382 -45.66 -6.07 5.27
CA SER B 382 -45.53 -5.01 4.26
C SER B 382 -44.28 -5.30 3.44
N SER B 383 -44.45 -6.07 2.37
CA SER B 383 -43.36 -6.38 1.45
C SER B 383 -43.47 -5.66 0.12
N SER B 384 -44.68 -5.24 -0.28
CA SER B 384 -44.83 -4.51 -1.53
C SER B 384 -44.15 -3.16 -1.46
N LYS B 385 -44.16 -2.52 -0.29
CA LYS B 385 -43.56 -1.20 -0.11
C LYS B 385 -42.04 -1.32 0.07
N TRP B 386 -41.39 -1.92 -0.91
CA TRP B 386 -39.95 -2.08 -0.91
C TRP B 386 -39.24 -0.99 -1.72
N GLU B 387 -39.81 -0.60 -2.86
CA GLU B 387 -39.20 0.47 -3.65
C GLU B 387 -39.18 1.78 -2.89
N GLU B 388 -40.26 2.09 -2.17
CA GLU B 388 -40.31 3.32 -1.39
C GLU B 388 -39.25 3.32 -0.31
N VAL B 389 -39.09 2.20 0.40
CA VAL B 389 -38.07 2.12 1.43
C VAL B 389 -36.69 2.26 0.83
N GLN B 390 -36.45 1.61 -0.31
CA GLN B 390 -35.15 1.72 -0.97
C GLN B 390 -34.85 3.15 -1.36
N SER B 391 -35.83 3.85 -1.94
CA SER B 391 -35.61 5.23 -2.34
C SER B 391 -35.37 6.12 -1.13
N LYS B 392 -36.13 5.92 -0.06
CA LYS B 392 -35.94 6.73 1.15
C LYS B 392 -34.55 6.52 1.73
N ALA B 393 -34.12 5.26 1.84
CA ALA B 393 -32.79 4.99 2.39
C ALA B 393 -31.70 5.57 1.52
N ASN B 394 -31.83 5.42 0.19
CA ASN B 394 -30.81 5.96 -0.71
C ASN B 394 -30.72 7.48 -0.59
N HIS B 395 -31.88 8.16 -0.63
CA HIS B 395 -31.89 9.61 -0.54
C HIS B 395 -31.32 10.07 0.79
N LEU B 396 -31.72 9.43 1.89
CA LEU B 396 -31.23 9.81 3.20
C LEU B 396 -29.72 9.66 3.28
N LEU B 397 -29.21 8.48 2.92
CA LEU B 397 -27.77 8.25 2.97
C LEU B 397 -27.02 9.28 2.14
N LEU B 398 -27.41 9.44 0.87
CA LEU B 398 -26.74 10.39 -0.01
C LEU B 398 -26.73 11.79 0.59
N ASN B 399 -27.93 12.37 0.79
CA ASN B 399 -28.01 13.77 1.18
C ASN B 399 -27.36 14.04 2.53
N THR B 400 -27.63 13.19 3.53
CA THR B 400 -27.22 13.50 4.88
C THR B 400 -25.90 12.85 5.30
N PHE B 401 -25.21 12.13 4.41
CA PHE B 401 -23.90 11.62 4.77
C PHE B 401 -22.89 11.67 3.63
N GLY B 402 -23.21 12.31 2.51
CA GLY B 402 -22.31 12.26 1.37
C GLY B 402 -22.64 11.06 0.51
N MET B 403 -21.90 9.96 0.71
CA MET B 403 -22.22 8.67 0.10
C MET B 403 -22.27 8.78 -1.43
N TYR B 404 -21.09 9.06 -1.99
CA TYR B 404 -20.93 9.25 -3.44
C TYR B 404 -21.71 8.22 -4.25
N ARG B 405 -21.80 7.00 -3.75
CA ARG B 405 -22.77 6.03 -4.26
C ARG B 405 -23.04 5.01 -3.16
N CYS B 406 -24.29 4.60 -3.03
CA CYS B 406 -24.66 3.59 -2.05
C CYS B 406 -25.63 2.60 -2.67
N THR B 407 -25.53 1.36 -2.23
CA THR B 407 -26.41 0.29 -2.69
C THR B 407 -26.97 -0.42 -1.47
N ILE B 408 -28.27 -0.72 -1.52
CA ILE B 408 -28.94 -1.38 -0.40
C ILE B 408 -29.67 -2.60 -0.93
N GLN B 409 -29.82 -3.60 -0.06
CA GLN B 409 -30.51 -4.84 -0.38
C GLN B 409 -31.58 -5.10 0.67
N LEU B 410 -32.79 -5.41 0.22
CA LEU B 410 -33.94 -5.61 1.10
C LEU B 410 -34.27 -7.08 1.20
N GLN B 411 -34.60 -7.52 2.41
CA GLN B 411 -35.04 -8.87 2.68
C GLN B 411 -36.36 -8.82 3.42
N SER B 412 -37.29 -9.69 3.05
CA SER B 412 -38.56 -9.77 3.75
C SER B 412 -38.35 -10.38 5.13
N TYR B 413 -39.39 -10.30 5.96
CA TYR B 413 -39.30 -10.80 7.32
C TYR B 413 -39.13 -12.32 7.32
N ARG B 414 -38.30 -12.81 8.23
CA ARG B 414 -38.05 -14.24 8.35
C ARG B 414 -38.98 -14.88 9.37
#